data_5FQV
#
_entry.id   5FQV
#
_cell.length_a   58.329
_cell.length_b   58.329
_cell.length_c   275.591
_cell.angle_alpha   90.00
_cell.angle_beta   90.00
_cell.angle_gamma   120.00
#
_symmetry.space_group_name_H-M   'P 65 2 2'
#
loop_
_entity.id
_entity.type
_entity.pdbx_description
1 polymer 'ESTROGEN RECEPTOR ALPHA'
2 non-polymer '(E)-3-[4-(6-hydroxy-2-isobutyl-7-methyl-3,4-dihydro-1H-isoquinolin-1-yl)phenyl]prop-2-enoic acid'
3 water water
#
_entity_poly.entity_id   1
_entity_poly.type   'polypeptide(L)'
_entity_poly.pdbx_seq_one_letter_code
;ALSLTADQMVSALLDAEPPILYSEYDPTRPFSEASMMGLLTNLADRELVHMINWAKRVPGFVDLTLHDQVHLLESAWLEI
LMIGLVWRSMEHPGKLLFAPNLLLDRNQGKSVEGMVEIFDMLLATSSRFRMMNLQGEEFVCLKSIILLNSGVYTFLSSTL
KSLEEKDHIHRVLDKITDTLIHLMAKAGLTLQQQHQRLAQLLLILSHIRHMSNKGMEHLYSMKCKNVVPSYDLLLEMLDA
HRLHAPTS
;
_entity_poly.pdbx_strand_id   A
#
loop_
_chem_comp.id
_chem_comp.type
_chem_comp.name
_chem_comp.formula
VQI non-polymer '(E)-3-[4-(6-hydroxy-2-isobutyl-7-methyl-3,4-dihydro-1H-isoquinolin-1-yl)phenyl]prop-2-enoic acid' 'C23 H27 N O3'
#
# COMPACT_ATOMS: atom_id res chain seq x y z
N ALA A 1 -17.87 -10.68 6.05
CA ALA A 1 -17.19 -9.97 4.95
C ALA A 1 -17.80 -10.25 3.59
N LEU A 2 -18.08 -11.51 3.29
CA LEU A 2 -18.62 -11.88 1.99
C LEU A 2 -20.11 -11.52 1.87
N SER A 3 -20.73 -11.18 2.99
CA SER A 3 -22.10 -10.66 2.93
C SER A 3 -22.22 -9.13 2.88
N LEU A 4 -21.10 -8.40 2.94
CA LEU A 4 -21.14 -6.95 2.86
C LEU A 4 -21.67 -6.47 1.51
N THR A 5 -22.46 -5.39 1.53
CA THR A 5 -22.81 -4.68 0.30
C THR A 5 -21.56 -3.86 -0.17
N ALA A 6 -21.54 -3.46 -1.41
CA ALA A 6 -20.53 -2.51 -1.90
C ALA A 6 -20.39 -1.27 -1.03
N ASP A 7 -21.51 -0.60 -0.70
CA ASP A 7 -21.43 0.61 0.16
C ASP A 7 -20.86 0.33 1.53
N GLN A 8 -21.25 -0.79 2.14
CA GLN A 8 -20.68 -1.23 3.40
C GLN A 8 -19.17 -1.56 3.26
N MET A 9 -18.76 -2.11 2.12
CA MET A 9 -17.29 -2.42 1.91
C MET A 9 -16.51 -1.10 1.92
N VAL A 10 -16.99 -0.14 1.14
CA VAL A 10 -16.37 1.18 1.07
C VAL A 10 -16.28 1.86 2.43
N SER A 11 -17.40 1.92 3.19
CA SER A 11 -17.32 2.51 4.52
C SER A 11 -16.39 1.80 5.46
N ALA A 12 -16.36 0.47 5.41
CA ALA A 12 -15.47 -0.21 6.29
C ALA A 12 -14.01 0.19 5.98
N LEU A 13 -13.70 0.24 4.70
CA LEU A 13 -12.31 0.61 4.31
C LEU A 13 -11.93 2.05 4.65
N LEU A 14 -12.84 3.01 4.46
CA LEU A 14 -12.57 4.39 4.75
C LEU A 14 -12.35 4.56 6.25
N ASP A 15 -13.15 3.83 7.06
CA ASP A 15 -13.07 3.92 8.52
C ASP A 15 -11.78 3.27 9.05
N ALA A 16 -11.21 2.35 8.27
CA ALA A 16 -9.99 1.64 8.73
C ALA A 16 -8.72 2.44 8.42
N GLU A 17 -8.86 3.55 7.71
CA GLU A 17 -7.70 4.27 7.20
C GLU A 17 -6.78 4.69 8.33
N PRO A 18 -5.48 4.46 8.17
CA PRO A 18 -4.51 4.88 9.13
C PRO A 18 -4.22 6.37 9.05
N PRO A 19 -3.64 6.95 10.11
CA PRO A 19 -3.35 8.35 10.10
C PRO A 19 -2.09 8.66 9.29
N ILE A 20 -1.97 9.92 8.85
CA ILE A 20 -0.76 10.43 8.27
C ILE A 20 0.22 10.79 9.38
N LEU A 21 1.39 10.15 9.43
CA LEU A 21 2.38 10.47 10.49
C LEU A 21 3.39 11.57 10.09
N TYR A 22 4.07 12.13 11.10
CA TYR A 22 5.07 13.13 10.92
C TYR A 22 6.47 12.57 11.13
N SER A 23 7.42 13.14 10.42
CA SER A 23 8.86 12.87 10.68
C SER A 23 9.29 13.43 12.03
N GLU A 24 10.19 12.72 12.73
CA GLU A 24 10.72 13.06 14.02
C GLU A 24 12.09 13.63 13.80
N TYR A 25 12.13 14.92 13.72
CA TYR A 25 13.41 15.67 13.65
C TYR A 25 13.05 16.99 14.27
N ASP A 26 14.06 17.62 14.84
CA ASP A 26 13.88 18.89 15.49
C ASP A 26 13.85 19.95 14.37
N PRO A 27 12.70 20.64 14.23
CA PRO A 27 12.58 21.58 13.09
C PRO A 27 13.32 22.89 13.38
N THR A 28 13.77 23.06 14.62
CA THR A 28 14.59 24.25 14.94
C THR A 28 16.07 24.03 14.62
N ARG A 29 16.46 22.81 14.27
CA ARG A 29 17.91 22.45 14.04
C ARG A 29 18.24 22.41 12.59
N PRO A 30 19.55 22.49 12.20
CA PRO A 30 19.79 22.49 10.74
C PRO A 30 19.37 21.20 10.06
N PHE A 31 18.97 21.26 8.78
CA PHE A 31 18.70 20.04 8.01
C PHE A 31 20.04 19.42 7.54
N SER A 35 19.96 12.64 8.93
CA SER A 35 20.27 11.64 7.94
C SER A 35 18.94 11.35 7.23
N MET A 36 18.85 11.58 5.94
CA MET A 36 17.61 11.28 5.21
C MET A 36 17.16 9.83 5.41
N MET A 37 18.02 8.84 5.16
CA MET A 37 17.61 7.42 5.35
C MET A 37 17.20 7.10 6.79
N GLY A 38 17.88 7.66 7.77
CA GLY A 38 17.45 7.59 9.19
C GLY A 38 16.00 8.10 9.40
N LEU A 39 15.71 9.27 8.86
CA LEU A 39 14.39 9.86 9.01
C LEU A 39 13.33 8.95 8.33
N LEU A 40 13.64 8.48 7.13
CA LEU A 40 12.73 7.64 6.33
C LEU A 40 12.49 6.27 7.01
N THR A 41 13.54 5.72 7.58
CA THR A 41 13.42 4.43 8.29
C THR A 41 12.58 4.53 9.55
N ASN A 42 12.81 5.57 10.34
CA ASN A 42 12.09 5.76 11.59
C ASN A 42 10.57 5.96 11.30
N LEU A 43 10.29 6.77 10.28
CA LEU A 43 8.91 6.98 9.81
C LEU A 43 8.24 5.72 9.35
N ALA A 44 8.97 4.97 8.51
CA ALA A 44 8.42 3.71 8.02
C ALA A 44 8.16 2.68 9.12
N ASP A 45 9.04 2.61 10.11
CA ASP A 45 8.91 1.68 11.26
C ASP A 45 7.59 2.08 12.03
N ARG A 46 7.33 3.38 12.26
CA ARG A 46 6.13 3.81 12.95
C ARG A 46 4.83 3.55 12.14
N GLU A 47 4.89 3.72 10.82
CA GLU A 47 3.81 3.43 9.89
C GLU A 47 3.42 1.97 9.92
N LEU A 48 4.37 1.09 10.10
CA LEU A 48 4.08 -0.34 10.11
C LEU A 48 3.17 -0.75 11.22
N VAL A 49 3.30 -0.14 12.39
CA VAL A 49 2.45 -0.48 13.48
C VAL A 49 1.01 -0.12 13.18
N HIS A 50 0.77 1.05 12.58
CA HIS A 50 -0.55 1.41 12.14
C HIS A 50 -1.06 0.54 10.99
N MET A 51 -0.13 0.09 10.18
CA MET A 51 -0.48 -0.79 9.05
C MET A 51 -1.10 -2.12 9.57
N ILE A 52 -0.51 -2.65 10.64
CA ILE A 52 -1.05 -3.87 11.27
C ILE A 52 -2.46 -3.63 11.74
N ASN A 53 -2.73 -2.50 12.39
CA ASN A 53 -4.08 -2.23 12.89
C ASN A 53 -5.08 -2.06 11.78
N TRP A 54 -4.64 -1.44 10.68
CA TRP A 54 -5.43 -1.25 9.47
C TRP A 54 -5.77 -2.63 8.93
N ALA A 55 -4.73 -3.46 8.76
CA ALA A 55 -4.95 -4.79 8.11
C ALA A 55 -5.99 -5.62 8.85
N LYS A 56 -5.92 -5.57 10.17
CA LYS A 56 -6.94 -6.31 11.00
C LYS A 56 -8.37 -5.80 10.77
N ARG A 57 -8.52 -4.58 10.24
CA ARG A 57 -9.82 -4.01 9.89
C ARG A 57 -10.32 -4.14 8.49
N VAL A 58 -9.52 -4.72 7.57
CA VAL A 58 -9.91 -4.96 6.23
C VAL A 58 -10.80 -6.24 6.26
N PRO A 59 -12.03 -6.13 5.78
CA PRO A 59 -12.96 -7.26 5.90
C PRO A 59 -12.36 -8.51 5.34
N GLY A 60 -12.49 -9.62 6.05
CA GLY A 60 -11.98 -10.87 5.56
C GLY A 60 -10.62 -11.21 6.11
N PHE A 61 -9.78 -10.20 6.38
CA PHE A 61 -8.38 -10.46 6.78
C PHE A 61 -8.27 -11.22 8.09
N VAL A 62 -9.05 -10.87 9.15
CA VAL A 62 -8.91 -11.60 10.41
C VAL A 62 -9.60 -12.97 10.40
N ASP A 63 -10.23 -13.31 9.29
CA ASP A 63 -10.81 -14.64 9.11
C ASP A 63 -9.75 -15.67 8.77
N LEU A 64 -8.58 -15.19 8.31
CA LEU A 64 -7.45 -16.05 7.94
C LEU A 64 -6.68 -16.53 9.14
N THR A 65 -5.85 -17.55 9.00
CA THR A 65 -4.92 -17.99 10.06
C THR A 65 -3.91 -16.90 10.36
N LEU A 66 -3.41 -16.86 11.61
CA LEU A 66 -2.34 -15.91 11.92
C LEU A 66 -1.11 -16.06 10.99
N HIS A 67 -0.71 -17.28 10.66
CA HIS A 67 0.47 -17.51 9.83
C HIS A 67 0.22 -16.92 8.43
N ASP A 68 -1.01 -17.06 7.92
CA ASP A 68 -1.32 -16.53 6.59
C ASP A 68 -1.42 -15.00 6.62
N GLN A 69 -1.98 -14.43 7.71
CA GLN A 69 -1.92 -12.99 7.91
C GLN A 69 -0.45 -12.45 7.91
N VAL A 70 0.49 -13.12 8.60
CA VAL A 70 1.90 -12.72 8.61
C VAL A 70 2.48 -12.80 7.16
N HIS A 71 2.21 -13.89 6.49
CA HIS A 71 2.78 -14.11 5.14
C HIS A 71 2.27 -12.96 4.24
N LEU A 72 0.99 -12.67 4.27
CA LEU A 72 0.46 -11.56 3.41
C LEU A 72 1.09 -10.23 3.75
N LEU A 73 1.24 -9.89 5.04
CA LEU A 73 1.87 -8.61 5.39
C LEU A 73 3.32 -8.60 5.01
N GLU A 74 4.04 -9.71 5.22
CA GLU A 74 5.41 -9.81 4.84
C GLU A 74 5.62 -9.55 3.30
N SER A 75 4.71 -10.06 2.48
CA SER A 75 4.81 -9.86 1.03
C SER A 75 4.46 -8.44 0.64
N ALA A 76 3.52 -7.80 1.34
CA ALA A 76 2.90 -6.57 0.86
C ALA A 76 3.33 -5.26 1.53
N TRP A 77 4.10 -5.31 2.64
CA TRP A 77 4.23 -4.09 3.49
C TRP A 77 4.89 -2.92 2.74
N LEU A 78 5.89 -3.17 1.91
CA LEU A 78 6.51 -2.05 1.22
C LEU A 78 5.63 -1.49 0.09
N GLU A 79 4.94 -2.38 -0.61
CA GLU A 79 3.94 -1.92 -1.61
C GLU A 79 2.91 -1.04 -0.97
N ILE A 80 2.43 -1.39 0.25
CA ILE A 80 1.41 -0.64 0.96
C ILE A 80 1.96 0.74 1.40
N LEU A 81 3.20 0.78 1.89
CA LEU A 81 3.82 2.07 2.19
C LEU A 81 3.95 2.96 0.95
N MET A 82 4.34 2.32 -0.15
CA MET A 82 4.52 3.03 -1.43
C MET A 82 3.21 3.55 -2.07
N ILE A 83 2.10 2.79 -2.03
CA ILE A 83 0.89 3.24 -2.62
C ILE A 83 0.37 4.43 -1.72
N GLY A 84 0.60 4.31 -0.41
CA GLY A 84 0.21 5.42 0.51
C GLY A 84 0.99 6.71 0.24
N LEU A 85 2.29 6.55 0.01
CA LEU A 85 3.17 7.68 -0.34
C LEU A 85 2.70 8.36 -1.63
N VAL A 86 2.44 7.56 -2.66
CA VAL A 86 2.05 8.09 -3.97
C VAL A 86 0.70 8.80 -3.92
N TRP A 87 -0.24 8.28 -3.12
CA TRP A 87 -1.52 8.88 -2.92
C TRP A 87 -1.37 10.24 -2.23
N ARG A 88 -0.60 10.29 -1.14
CA ARG A 88 -0.33 11.55 -0.40
C ARG A 88 0.38 12.61 -1.28
N SER A 89 1.17 12.17 -2.25
CA SER A 89 1.97 13.03 -3.11
C SER A 89 1.23 13.51 -4.40
N MET A 90 0.00 13.10 -4.58
CA MET A 90 -0.68 13.25 -5.86
C MET A 90 -0.85 14.72 -6.19
N GLU A 91 -1.12 15.57 -5.20
CA GLU A 91 -1.35 17.00 -5.51
C GLU A 91 -0.10 17.86 -5.26
N HIS A 92 1.10 17.25 -5.28
CA HIS A 92 2.37 17.86 -5.11
C HIS A 92 3.32 17.47 -6.23
N PRO A 93 3.05 17.98 -7.46
CA PRO A 93 3.87 17.62 -8.62
C PRO A 93 5.34 17.80 -8.36
N GLY A 94 6.14 16.80 -8.68
CA GLY A 94 7.62 16.85 -8.53
C GLY A 94 8.15 16.55 -7.12
N LYS A 95 7.26 16.26 -6.19
CA LYS A 95 7.68 16.06 -4.80
C LYS A 95 7.05 14.79 -4.23
N LEU A 96 7.70 14.25 -3.22
CA LEU A 96 7.16 13.11 -2.48
C LEU A 96 6.90 13.52 -1.03
N LEU A 97 5.65 13.39 -0.63
CA LEU A 97 5.22 13.85 0.72
C LEU A 97 5.34 12.63 1.65
N PHE A 98 6.57 12.36 2.06
CA PHE A 98 6.79 11.29 3.06
C PHE A 98 6.02 11.59 4.34
N ALA A 99 5.98 12.88 4.73
CA ALA A 99 5.18 13.36 5.83
C ALA A 99 4.86 14.82 5.55
N PRO A 100 3.92 15.40 6.32
CA PRO A 100 3.59 16.83 5.99
C PRO A 100 4.76 17.77 6.28
N ASN A 101 5.69 17.34 7.13
CA ASN A 101 6.94 18.00 7.45
C ASN A 101 8.18 17.44 6.76
N LEU A 102 7.94 16.65 5.73
CA LEU A 102 9.06 16.00 5.04
C LEU A 102 8.65 15.79 3.59
N LEU A 103 8.67 16.89 2.85
CA LEU A 103 8.31 16.90 1.48
C LEU A 103 9.61 16.98 0.69
N LEU A 104 10.01 15.95 -0.03
CA LEU A 104 11.33 15.88 -0.70
C LEU A 104 11.19 15.83 -2.26
N ASP A 105 12.14 16.44 -2.94
CA ASP A 105 12.24 16.34 -4.43
C ASP A 105 13.29 15.38 -4.86
N ARG A 106 13.35 15.14 -6.16
CA ARG A 106 14.28 14.14 -6.66
C ARG A 106 15.72 14.50 -6.37
N ASN A 107 16.04 15.79 -6.34
CA ASN A 107 17.38 16.23 -6.02
C ASN A 107 17.79 15.79 -4.62
N GLN A 108 16.86 15.88 -3.65
CA GLN A 108 17.13 15.41 -2.27
C GLN A 108 17.38 13.88 -2.28
N GLY A 109 16.78 13.13 -3.20
CA GLY A 109 17.05 11.71 -3.29
C GLY A 109 18.44 11.31 -3.71
N LYS A 110 19.12 12.14 -4.51
CA LYS A 110 20.48 11.87 -5.03
C LYS A 110 21.55 11.76 -3.95
N SER A 111 21.22 12.21 -2.75
CA SER A 111 22.10 12.16 -1.58
C SER A 111 22.45 10.72 -1.15
N VAL A 112 21.65 9.73 -1.54
CA VAL A 112 21.91 8.34 -1.22
C VAL A 112 22.02 7.53 -2.51
N GLU A 113 23.09 6.74 -2.61
CA GLU A 113 23.38 5.94 -3.80
C GLU A 113 22.22 5.02 -4.10
N GLY A 114 21.72 5.06 -5.35
CA GLY A 114 20.57 4.22 -5.78
C GLY A 114 19.13 4.70 -5.46
N MET A 115 19.02 5.78 -4.71
CA MET A 115 17.72 6.24 -4.27
C MET A 115 16.99 7.08 -5.34
N VAL A 116 17.71 7.84 -6.12
CA VAL A 116 17.03 8.75 -7.08
C VAL A 116 16.22 7.94 -8.09
N GLU A 117 16.70 6.77 -8.47
CA GLU A 117 15.94 5.90 -9.38
C GLU A 117 14.57 5.47 -8.80
N ILE A 118 14.56 5.14 -7.49
CA ILE A 118 13.32 4.81 -6.82
C ILE A 118 12.38 6.04 -6.69
N PHE A 119 12.96 7.16 -6.29
CA PHE A 119 12.25 8.47 -6.20
C PHE A 119 11.53 8.73 -7.58
N ASP A 120 12.27 8.54 -8.67
CA ASP A 120 11.71 8.81 -9.99
C ASP A 120 10.52 7.92 -10.35
N MET A 121 10.57 6.63 -10.00
CA MET A 121 9.47 5.73 -10.28
C MET A 121 8.26 6.11 -9.46
N LEU A 122 8.49 6.48 -8.20
CA LEU A 122 7.38 6.91 -7.28
C LEU A 122 6.73 8.21 -7.77
N LEU A 123 7.56 9.13 -8.21
CA LEU A 123 7.02 10.38 -8.81
C LEU A 123 6.20 10.14 -10.09
N ALA A 124 6.68 9.25 -10.98
CA ALA A 124 5.89 8.88 -12.14
C ALA A 124 4.58 8.22 -11.81
N THR A 125 4.57 7.37 -10.77
CA THR A 125 3.31 6.80 -10.32
C THR A 125 2.26 7.83 -9.79
N SER A 126 2.74 8.78 -9.03
CA SER A 126 1.91 9.87 -8.54
C SER A 126 1.36 10.64 -9.72
N SER A 127 2.20 10.89 -10.70
CA SER A 127 1.79 11.52 -12.00
C SER A 127 0.66 10.79 -12.73
N ARG A 128 0.79 9.48 -12.78
CA ARG A 128 -0.27 8.59 -13.34
C ARG A 128 -1.58 8.68 -12.58
N PHE A 129 -1.52 8.66 -11.25
CA PHE A 129 -2.71 8.79 -10.41
C PHE A 129 -3.42 10.15 -10.66
N ARG A 130 -2.60 11.22 -10.78
CA ARG A 130 -3.11 12.59 -11.17
C ARG A 130 -3.82 12.56 -12.53
N MET A 131 -3.19 12.00 -13.53
CA MET A 131 -3.76 11.83 -14.88
C MET A 131 -5.08 11.05 -14.84
N MET A 132 -5.18 10.09 -13.95
CA MET A 132 -6.41 9.30 -13.91
C MET A 132 -7.41 9.94 -13.05
N ASN A 133 -7.04 11.00 -12.32
CA ASN A 133 -7.92 11.54 -11.29
C ASN A 133 -8.43 10.49 -10.24
N LEU A 134 -7.49 9.68 -9.75
CA LEU A 134 -7.85 8.66 -8.78
C LEU A 134 -8.56 9.28 -7.59
N GLN A 135 -9.63 8.62 -7.17
CA GLN A 135 -10.44 9.02 -6.02
C GLN A 135 -10.09 8.27 -4.78
N GLY A 136 -10.38 8.87 -3.62
CA GLY A 136 -10.12 8.27 -2.33
C GLY A 136 -10.72 6.90 -2.16
N GLU A 137 -11.98 6.74 -2.57
CA GLU A 137 -12.67 5.46 -2.43
C GLU A 137 -12.06 4.32 -3.30
N GLU A 138 -11.50 4.70 -4.44
CA GLU A 138 -10.77 3.80 -5.34
C GLU A 138 -9.44 3.44 -4.70
N PHE A 139 -8.74 4.46 -4.14
CA PHE A 139 -7.42 4.23 -3.49
C PHE A 139 -7.52 3.18 -2.35
N VAL A 140 -8.51 3.32 -1.43
CA VAL A 140 -8.64 2.33 -0.35
C VAL A 140 -8.95 0.91 -0.87
N CYS A 141 -9.74 0.78 -1.92
CA CYS A 141 -9.96 -0.50 -2.56
C CYS A 141 -8.60 -1.08 -3.07
N LEU A 142 -7.79 -0.26 -3.74
CA LEU A 142 -6.55 -0.77 -4.35
C LEU A 142 -5.60 -1.19 -3.26
N LYS A 143 -5.54 -0.44 -2.14
CA LYS A 143 -4.60 -0.82 -1.07
C LYS A 143 -4.97 -2.14 -0.40
N SER A 144 -6.26 -2.38 -0.28
CA SER A 144 -6.77 -3.67 0.21
C SER A 144 -6.53 -4.83 -0.72
N ILE A 145 -6.65 -4.58 -2.04
CA ILE A 145 -6.30 -5.56 -3.03
C ILE A 145 -4.77 -5.93 -2.92
N ILE A 146 -3.86 -4.96 -2.71
CA ILE A 146 -2.44 -5.27 -2.53
C ILE A 146 -2.23 -6.26 -1.35
N LEU A 147 -2.83 -5.90 -0.20
CA LEU A 147 -2.73 -6.71 0.99
C LEU A 147 -3.12 -8.18 0.73
N LEU A 148 -4.23 -8.42 0.02
CA LEU A 148 -4.76 -9.75 -0.16
C LEU A 148 -4.11 -10.52 -1.32
N ASN A 149 -3.67 -9.79 -2.34
CA ASN A 149 -3.13 -10.39 -3.56
C ASN A 149 -1.64 -10.64 -3.53
N SER A 150 -0.86 -9.79 -2.89
CA SER A 150 0.63 -9.86 -3.12
C SER A 150 1.24 -11.19 -2.70
N GLY A 151 0.80 -11.77 -1.60
CA GLY A 151 1.28 -13.05 -1.11
C GLY A 151 0.48 -14.30 -1.39
N VAL A 152 -0.64 -14.15 -2.09
CA VAL A 152 -1.63 -15.28 -2.24
C VAL A 152 -1.10 -16.39 -3.18
N TYR A 153 -0.08 -16.09 -4.00
CA TYR A 153 0.47 -17.08 -4.95
C TYR A 153 1.75 -17.76 -4.39
N THR A 154 2.17 -17.37 -3.18
CA THR A 154 3.44 -17.87 -2.58
C THR A 154 3.26 -18.53 -1.18
N PHE A 155 2.06 -18.99 -0.83
CA PHE A 155 1.92 -19.82 0.41
C PHE A 155 2.71 -21.16 0.43
N THR A 159 -2.02 -27.99 2.11
CA THR A 159 -2.98 -28.46 3.13
C THR A 159 -4.42 -28.08 2.81
N LEU A 160 -5.37 -28.85 3.34
CA LEU A 160 -6.76 -28.51 3.14
C LEU A 160 -7.05 -27.06 3.60
N LYS A 161 -6.51 -26.69 4.77
CA LYS A 161 -6.71 -25.36 5.31
C LYS A 161 -6.19 -24.28 4.32
N SER A 162 -5.02 -24.53 3.74
CA SER A 162 -4.36 -23.59 2.76
C SER A 162 -5.25 -23.45 1.56
N LEU A 163 -5.83 -24.56 1.09
CA LEU A 163 -6.79 -24.46 -0.04
C LEU A 163 -8.04 -23.64 0.32
N GLU A 164 -8.57 -23.83 1.55
CA GLU A 164 -9.68 -23.03 2.03
C GLU A 164 -9.32 -21.53 2.15
N GLU A 165 -8.11 -21.26 2.68
CA GLU A 165 -7.65 -19.86 2.82
C GLU A 165 -7.52 -19.16 1.46
N LYS A 166 -6.90 -19.84 0.49
CA LYS A 166 -6.76 -19.19 -0.85
C LYS A 166 -8.11 -18.94 -1.51
N ASP A 167 -9.04 -19.88 -1.35
CA ASP A 167 -10.37 -19.68 -1.86
C ASP A 167 -11.08 -18.49 -1.25
N HIS A 168 -10.99 -18.31 0.06
CA HIS A 168 -11.55 -17.21 0.75
C HIS A 168 -10.97 -15.88 0.24
N ILE A 169 -9.63 -15.84 0.19
CA ILE A 169 -8.94 -14.60 -0.25
C ILE A 169 -9.46 -14.21 -1.66
N HIS A 170 -9.60 -15.18 -2.58
CA HIS A 170 -10.10 -14.87 -3.92
C HIS A 170 -11.56 -14.40 -3.90
N ARG A 171 -12.38 -15.03 -3.06
CA ARG A 171 -13.73 -14.50 -2.84
C ARG A 171 -13.79 -13.05 -2.29
N VAL A 172 -12.90 -12.70 -1.39
CA VAL A 172 -12.86 -11.33 -0.86
C VAL A 172 -12.40 -10.39 -1.97
N LEU A 173 -11.41 -10.80 -2.74
CA LEU A 173 -10.92 -9.96 -3.85
C LEU A 173 -12.03 -9.71 -4.84
N ASP A 174 -12.84 -10.72 -5.16
CA ASP A 174 -14.01 -10.58 -6.04
C ASP A 174 -15.01 -9.53 -5.51
N LYS A 175 -15.26 -9.51 -4.21
CA LYS A 175 -16.10 -8.49 -3.55
C LYS A 175 -15.49 -7.10 -3.76
N ILE A 176 -14.16 -6.94 -3.58
CA ILE A 176 -13.54 -5.62 -3.80
C ILE A 176 -13.66 -5.20 -5.27
N THR A 177 -13.49 -6.14 -6.25
CA THR A 177 -13.71 -5.82 -7.63
C THR A 177 -15.13 -5.30 -7.89
N ASP A 178 -16.09 -6.05 -7.35
CA ASP A 178 -17.54 -5.59 -7.43
C ASP A 178 -17.69 -4.15 -6.93
N THR A 179 -16.98 -3.85 -5.83
CA THR A 179 -17.07 -2.60 -5.13
C THR A 179 -16.46 -1.48 -6.02
N LEU A 180 -15.32 -1.74 -6.66
CA LEU A 180 -14.75 -0.79 -7.58
C LEU A 180 -15.66 -0.44 -8.70
N ILE A 181 -16.19 -1.47 -9.36
CA ILE A 181 -17.11 -1.32 -10.44
C ILE A 181 -18.36 -0.50 -9.97
N HIS A 182 -18.90 -0.86 -8.83
CA HIS A 182 -20.05 -0.06 -8.24
C HIS A 182 -19.70 1.42 -8.03
N LEU A 183 -18.49 1.72 -7.55
CA LEU A 183 -18.04 3.10 -7.42
C LEU A 183 -18.01 3.81 -8.75
N MET A 184 -17.54 3.12 -9.80
CA MET A 184 -17.41 3.70 -11.11
C MET A 184 -18.83 3.93 -11.76
N ALA A 185 -19.74 2.97 -11.61
CA ALA A 185 -21.17 3.09 -12.03
C ALA A 185 -21.83 4.27 -11.33
N LYS A 186 -21.60 4.42 -10.03
CA LYS A 186 -22.11 5.61 -9.30
C LYS A 186 -21.66 6.96 -9.81
N ALA A 187 -20.39 7.07 -10.16
CA ALA A 187 -19.83 8.28 -10.74
C ALA A 187 -20.30 8.53 -12.19
N GLY A 188 -21.12 7.64 -12.74
CA GLY A 188 -21.70 7.85 -14.07
C GLY A 188 -21.00 7.26 -15.26
N LEU A 189 -19.91 6.54 -15.06
CA LEU A 189 -19.19 6.00 -16.21
C LEU A 189 -19.99 4.92 -16.95
N THR A 190 -19.78 4.82 -18.25
CA THR A 190 -20.42 3.74 -19.02
C THR A 190 -19.83 2.36 -18.70
N LEU A 191 -20.50 1.30 -19.16
CA LEU A 191 -20.00 -0.05 -18.92
C LEU A 191 -18.62 -0.28 -19.51
N GLN A 192 -18.40 0.20 -20.73
CA GLN A 192 -17.06 0.20 -21.36
C GLN A 192 -16.01 0.94 -20.53
N GLN A 193 -16.40 2.12 -20.06
CA GLN A 193 -15.50 2.96 -19.29
C GLN A 193 -15.18 2.29 -17.96
N GLN A 194 -16.17 1.64 -17.36
CA GLN A 194 -15.95 0.92 -16.14
C GLN A 194 -14.89 -0.15 -16.25
N HIS A 195 -15.02 -1.03 -17.25
N HIS A 195 -15.00 -1.04 -17.25
CA HIS A 195 -14.03 -2.11 -17.43
CA HIS A 195 -13.99 -2.13 -17.34
C HIS A 195 -12.65 -1.55 -17.76
C HIS A 195 -12.64 -1.60 -17.81
N GLN A 196 -12.61 -0.49 -18.57
CA GLN A 196 -11.35 0.09 -18.96
C GLN A 196 -10.61 0.67 -17.78
N ARG A 197 -11.34 1.34 -16.91
CA ARG A 197 -10.74 1.96 -15.76
C ARG A 197 -10.34 0.95 -14.70
N LEU A 198 -11.15 -0.08 -14.51
CA LEU A 198 -10.76 -1.19 -13.65
C LEU A 198 -9.39 -1.74 -14.06
N ALA A 199 -9.23 -1.98 -15.37
CA ALA A 199 -7.97 -2.54 -15.89
C ALA A 199 -6.85 -1.56 -15.72
N GLN A 200 -7.07 -0.27 -16.03
CA GLN A 200 -6.05 0.76 -15.82
C GLN A 200 -5.53 0.78 -14.38
N LEU A 201 -6.44 0.73 -13.44
CA LEU A 201 -6.09 0.70 -12.02
C LEU A 201 -5.30 -0.53 -11.61
N LEU A 202 -5.77 -1.71 -12.02
CA LEU A 202 -5.08 -2.92 -11.62
C LEU A 202 -3.71 -3.06 -12.25
N LEU A 203 -3.51 -2.52 -13.46
CA LEU A 203 -2.21 -2.58 -14.10
C LEU A 203 -1.20 -1.71 -13.40
N ILE A 204 -1.60 -0.58 -12.79
CA ILE A 204 -0.66 0.19 -11.96
C ILE A 204 -0.16 -0.62 -10.80
N LEU A 205 -0.94 -1.54 -10.29
CA LEU A 205 -0.43 -2.46 -9.21
C LEU A 205 0.79 -3.30 -9.57
N SER A 206 0.91 -3.69 -10.84
CA SER A 206 2.10 -4.33 -11.34
C SER A 206 3.34 -3.47 -11.17
N HIS A 207 3.21 -2.16 -11.45
CA HIS A 207 4.31 -1.25 -11.31
C HIS A 207 4.64 -1.03 -9.82
N ILE A 208 3.61 -0.95 -8.99
CA ILE A 208 3.85 -0.83 -7.54
C ILE A 208 4.66 -2.04 -7.03
N ARG A 209 4.35 -3.28 -7.47
CA ARG A 209 5.15 -4.45 -7.14
C ARG A 209 6.59 -4.29 -7.57
N HIS A 210 6.80 -3.85 -8.81
CA HIS A 210 8.08 -3.62 -9.34
C HIS A 210 8.93 -2.65 -8.43
N MET A 211 8.33 -1.54 -8.12
CA MET A 211 8.97 -0.61 -7.18
C MET A 211 9.32 -1.23 -5.84
N SER A 212 8.40 -1.99 -5.28
CA SER A 212 8.66 -2.64 -3.99
C SER A 212 9.84 -3.60 -4.14
N ASN A 213 9.90 -4.33 -5.23
CA ASN A 213 11.07 -5.20 -5.36
C ASN A 213 12.37 -4.45 -5.51
N LYS A 214 12.40 -3.34 -6.23
CA LYS A 214 13.60 -2.54 -6.34
C LYS A 214 13.94 -1.96 -4.94
N GLY A 215 12.93 -1.54 -4.19
CA GLY A 215 13.17 -1.04 -2.83
C GLY A 215 13.70 -2.08 -1.84
N MET A 216 13.17 -3.29 -1.89
CA MET A 216 13.60 -4.35 -1.03
C MET A 216 15.05 -4.71 -1.35
N GLU A 217 15.42 -4.68 -2.64
CA GLU A 217 16.83 -4.90 -3.00
C GLU A 217 17.75 -3.88 -2.31
N HIS A 218 17.32 -2.63 -2.34
CA HIS A 218 18.07 -1.57 -1.58
C HIS A 218 18.19 -1.89 -0.09
N LEU A 219 17.07 -2.14 0.56
CA LEU A 219 17.05 -2.44 1.99
C LEU A 219 17.91 -3.68 2.36
N TYR A 220 17.80 -4.78 1.60
CA TYR A 220 18.61 -6.00 1.83
C TYR A 220 20.08 -5.70 1.63
N SER A 221 20.39 -4.79 0.73
CA SER A 221 21.80 -4.52 0.42
C SER A 221 22.47 -3.83 1.63
N MET A 222 21.67 -3.22 2.50
CA MET A 222 22.19 -2.62 3.74
C MET A 222 22.80 -3.65 4.69
N LYS A 223 22.39 -4.92 4.60
CA LYS A 223 22.95 -6.00 5.42
C LYS A 223 22.91 -5.64 6.93
N CYS A 224 21.71 -5.45 7.44
CA CYS A 224 21.46 -4.87 8.77
C CYS A 224 20.25 -5.49 9.49
N LYS A 225 20.41 -5.92 10.74
CA LYS A 225 19.31 -6.52 11.55
C LYS A 225 18.24 -5.50 11.98
N ASN A 226 18.52 -4.19 11.92
CA ASN A 226 17.51 -3.13 12.24
C ASN A 226 16.73 -2.61 11.02
N VAL A 227 16.90 -3.32 9.91
CA VAL A 227 16.31 -2.97 8.63
C VAL A 227 15.54 -4.21 8.07
N VAL A 228 14.29 -3.95 7.70
CA VAL A 228 13.30 -4.88 7.18
C VAL A 228 12.68 -5.64 8.34
N PRO A 229 11.35 -5.57 8.46
CA PRO A 229 10.73 -6.25 9.59
C PRO A 229 10.78 -7.75 9.45
N SER A 230 11.22 -8.46 10.48
CA SER A 230 11.29 -9.94 10.42
C SER A 230 9.93 -10.59 10.50
N TYR A 231 9.83 -11.81 10.01
CA TYR A 231 8.65 -12.69 10.26
C TYR A 231 8.27 -12.59 11.73
N ASP A 232 9.26 -12.71 12.61
CA ASP A 232 9.01 -12.77 14.06
C ASP A 232 8.48 -11.47 14.62
N LEU A 233 9.03 -10.34 14.16
CA LEU A 233 8.48 -9.05 14.58
C LEU A 233 7.02 -8.89 14.09
N LEU A 234 6.74 -9.26 12.83
CA LEU A 234 5.39 -9.13 12.25
C LEU A 234 4.41 -10.06 13.02
N LEU A 235 4.87 -11.26 13.31
CA LEU A 235 4.12 -12.27 14.11
C LEU A 235 3.85 -11.74 15.52
N GLU A 236 4.89 -11.20 16.20
CA GLU A 236 4.65 -10.56 17.49
C GLU A 236 3.60 -9.45 17.43
N MET A 237 3.64 -8.59 16.41
CA MET A 237 2.69 -7.51 16.39
C MET A 237 1.29 -7.96 16.00
N LEU A 238 1.19 -8.96 15.11
CA LEU A 238 -0.10 -9.47 14.65
C LEU A 238 -0.77 -10.44 15.72
N ASP A 239 0.06 -11.06 16.58
CA ASP A 239 -0.44 -12.13 17.52
C ASP A 239 -0.89 -11.49 18.85
C1 VQI B . 8.02 6.58 5.34
C2 VQI B . 8.16 5.87 3.93
C3 VQI B . 9.45 5.55 3.64
C4 VQI B . 9.67 4.99 2.35
C5 VQI B . 8.60 4.74 1.56
C6 VQI B . 7.27 5.07 1.84
C7 VQI B . 7.06 5.61 3.13
O8 VQI B . 5.79 5.93 3.54
C9 VQI B . 8.76 4.07 0.17
C10 VQI B . 10.18 4.38 -0.29
N11 VQI B . 11.13 3.79 0.67
C12 VQI B . 10.99 4.51 1.99
C13 VQI B . 11.59 3.63 3.04
C14 VQI B . 10.84 2.46 3.40
C15 VQI B . 11.33 1.55 4.39
C16 VQI B . 12.54 1.83 5.00
C17 VQI B . 13.25 3.01 4.62
C18 VQI B . 12.80 3.93 3.62
C19 VQI B . 13.22 0.93 6.02
C20 VQI B . 12.47 0.16 6.81
C21 VQI B . 13.19 -0.72 7.78
O22 VQI B . 14.44 -0.79 7.80
O23 VQI B . 12.45 -1.47 8.56
C24 VQI B . 12.54 3.83 0.26
C25 VQI B . 12.95 2.46 -0.48
C26 VQI B . 12.74 1.20 0.39
C27 VQI B . 14.39 2.48 -0.93
#